data_9QZD
#
_entry.id   9QZD
#
_cell.length_a   36.829
_cell.length_b   62.021
_cell.length_c   80.443
_cell.angle_alpha   90.00
_cell.angle_beta   102.50
_cell.angle_gamma   90.00
#
_symmetry.space_group_name_H-M   'P 1 21 1'
#
loop_
_entity.id
_entity.type
_entity.pdbx_description
1 polymer dNTH0-H1
2 water water
#
_entity_poly.entity_id   1
_entity_poly.type   'polypeptide(L)'
_entity_poly.pdbx_seq_one_letter_code
;GHMPEEEKAARLFIEALEKGDPELMRKVISPDTKMVDNGREFTGDEVVEYVKEIQKRGEQWHLKKYTKIGNVWVFYVQVD
NNGQTEIWVVVIKVENGRIKIVFIQTVRDEEEAHEAARKLAKQA
;
_entity_poly.pdbx_strand_id   A,B,C
#
# COMPACT_ATOMS: atom_id res chain seq x y z
N HIS A 2 22.47 -21.68 3.59
CA HIS A 2 23.30 -20.58 3.12
C HIS A 2 23.79 -19.67 4.24
N MET A 3 22.91 -19.38 5.20
CA MET A 3 23.23 -18.59 6.38
C MET A 3 23.66 -19.47 7.55
N PRO A 4 24.74 -19.11 8.29
CA PRO A 4 25.14 -19.86 9.48
C PRO A 4 24.19 -19.65 10.64
N GLU A 5 24.21 -20.57 11.60
CA GLU A 5 23.22 -20.58 12.67
C GLU A 5 23.28 -19.28 13.47
N GLU A 6 24.49 -18.80 13.74
CA GLU A 6 24.68 -17.55 14.44
C GLU A 6 23.92 -16.42 13.73
N GLU A 7 24.16 -16.28 12.42
CA GLU A 7 23.49 -15.27 11.64
C GLU A 7 21.98 -15.43 11.62
N LYS A 8 21.52 -16.69 11.48
CA LYS A 8 20.11 -17.01 11.47
C LYS A 8 19.45 -16.54 12.77
N ALA A 9 20.08 -16.84 13.91
CA ALA A 9 19.55 -16.43 15.20
C ALA A 9 19.33 -14.92 15.28
N ALA A 10 20.42 -14.16 15.09
CA ALA A 10 20.36 -12.71 15.11
C ALA A 10 19.30 -12.19 14.15
N ARG A 11 19.32 -12.70 12.92
CA ARG A 11 18.39 -12.26 11.90
C ARG A 11 16.95 -12.52 12.33
N LEU A 12 16.70 -13.66 12.99
CA LEU A 12 15.37 -14.02 13.45
C LEU A 12 14.86 -13.05 14.51
N PHE A 13 15.76 -12.61 15.40
CA PHE A 13 15.45 -11.62 16.41
C PHE A 13 14.87 -10.35 15.80
N ILE A 14 15.50 -9.90 14.70
CA ILE A 14 15.09 -8.69 14.02
C ILE A 14 13.76 -8.95 13.33
N GLU A 15 13.63 -10.12 12.72
CA GLU A 15 12.41 -10.52 12.04
C GLU A 15 11.21 -10.45 13.00
N ALA A 16 11.42 -10.96 14.23
CA ALA A 16 10.39 -10.91 15.25
C ALA A 16 9.88 -9.49 15.46
N LEU A 17 10.81 -8.54 15.60
CA LEU A 17 10.48 -7.14 15.78
C LEU A 17 9.82 -6.55 14.54
N GLU A 18 10.34 -6.90 13.36
CA GLU A 18 9.75 -6.45 12.10
C GLU A 18 8.30 -6.88 12.00
N LYS A 19 8.02 -8.12 12.41
CA LYS A 19 6.69 -8.70 12.30
C LYS A 19 5.87 -8.56 13.59
N GLY A 20 6.46 -7.96 14.62
CA GLY A 20 5.82 -7.93 15.93
C GLY A 20 5.28 -9.29 16.35
N ASP A 21 6.13 -10.32 16.24
CA ASP A 21 5.74 -11.69 16.53
C ASP A 21 6.42 -12.20 17.80
N PRO A 22 5.69 -12.27 18.95
CA PRO A 22 6.29 -12.66 20.22
C PRO A 22 6.72 -14.12 20.29
N GLU A 23 5.97 -14.99 19.60
CA GLU A 23 6.28 -16.41 19.61
C GLU A 23 7.60 -16.67 18.88
N LEU A 24 7.78 -15.99 17.75
CA LEU A 24 9.06 -16.00 17.05
C LEU A 24 10.19 -15.56 17.97
N MET A 25 9.93 -14.52 18.77
CA MET A 25 10.92 -14.02 19.71
C MET A 25 11.23 -15.05 20.79
N ARG A 26 10.19 -15.75 21.25
CA ARG A 26 10.34 -16.78 22.27
C ARG A 26 11.34 -17.86 21.85
N LYS A 27 11.32 -18.21 20.57
CA LYS A 27 12.18 -19.24 20.02
C LYS A 27 13.65 -18.86 20.03
N VAL A 28 13.93 -17.56 19.99
CA VAL A 28 15.29 -17.05 19.83
C VAL A 28 15.94 -16.74 21.17
N ILE A 29 15.15 -16.37 22.18
CA ILE A 29 15.71 -15.88 23.42
C ILE A 29 15.82 -17.01 24.46
N SER A 30 16.53 -16.72 25.55
CA SER A 30 16.65 -17.64 26.67
C SER A 30 16.41 -16.84 27.94
N PRO A 31 16.10 -17.50 29.09
CA PRO A 31 15.75 -16.81 30.31
C PRO A 31 16.76 -15.76 30.76
N ASP A 32 18.02 -15.90 30.31
CA ASP A 32 19.07 -14.95 30.65
C ASP A 32 19.46 -14.01 29.49
N THR A 33 18.63 -13.96 28.44
CA THR A 33 18.85 -13.04 27.34
C THR A 33 18.64 -11.63 27.87
N LYS A 34 19.62 -10.74 27.66
CA LYS A 34 19.54 -9.36 28.11
C LYS A 34 19.42 -8.42 26.92
N MET A 35 18.42 -7.53 26.96
CA MET A 35 18.29 -6.48 25.96
C MET A 35 18.30 -5.11 26.64
N VAL A 36 19.05 -4.15 26.08
CA VAL A 36 19.07 -2.81 26.63
C VAL A 36 18.63 -1.82 25.56
N ASP A 37 17.45 -1.24 25.74
CA ASP A 37 16.85 -0.33 24.78
C ASP A 37 17.04 1.09 25.30
N ASN A 38 17.91 1.86 24.63
CA ASN A 38 18.24 3.21 25.07
C ASN A 38 18.31 3.32 26.59
N GLY A 39 19.08 2.41 27.20
CA GLY A 39 19.34 2.44 28.63
C GLY A 39 18.44 1.53 29.45
N ARG A 40 17.28 1.17 28.91
CA ARG A 40 16.31 0.36 29.64
C ARG A 40 16.59 -1.12 29.44
N GLU A 41 16.82 -1.82 30.55
CA GLU A 41 17.16 -3.23 30.52
C GLU A 41 15.91 -4.10 30.57
N PHE A 42 15.84 -5.06 29.64
CA PHE A 42 14.87 -6.15 29.68
C PHE A 42 15.62 -7.46 29.82
N THR A 43 15.01 -8.44 30.50
CA THR A 43 15.56 -9.78 30.59
C THR A 43 14.50 -10.84 30.34
N GLY A 44 14.88 -11.85 29.55
CA GLY A 44 14.05 -13.03 29.35
C GLY A 44 12.70 -12.72 28.72
N ASP A 45 11.63 -13.19 29.36
CA ASP A 45 10.27 -12.96 28.90
C ASP A 45 9.94 -11.50 28.67
N GLU A 46 10.58 -10.61 29.44
CA GLU A 46 10.37 -9.18 29.28
C GLU A 46 10.60 -8.76 27.84
N VAL A 47 11.56 -9.42 27.18
CA VAL A 47 11.88 -9.17 25.79
C VAL A 47 10.71 -9.57 24.89
N VAL A 48 10.03 -10.68 25.23
CA VAL A 48 8.85 -11.10 24.49
C VAL A 48 7.70 -10.13 24.71
N GLU A 49 7.53 -9.69 25.97
CA GLU A 49 6.53 -8.69 26.32
C GLU A 49 6.78 -7.42 25.51
N TYR A 50 8.06 -7.04 25.40
CA TYR A 50 8.49 -5.91 24.59
C TYR A 50 7.93 -6.01 23.18
N VAL A 51 8.06 -7.19 22.57
CA VAL A 51 7.57 -7.41 21.22
C VAL A 51 6.05 -7.26 21.16
N LYS A 52 5.38 -7.73 22.22
CA LYS A 52 3.93 -7.59 22.30
C LYS A 52 3.53 -6.11 22.30
N GLU A 53 4.34 -5.28 22.94
CA GLU A 53 4.12 -3.84 22.99
C GLU A 53 4.28 -3.21 21.61
N ILE A 54 5.31 -3.62 20.86
CA ILE A 54 5.53 -3.14 19.51
C ILE A 54 4.24 -3.31 18.72
N GLN A 55 3.77 -4.57 18.65
CA GLN A 55 2.58 -4.94 17.91
C GLN A 55 1.39 -4.09 18.34
N LYS A 56 1.15 -4.05 19.66
CA LYS A 56 0.08 -3.26 20.26
C LYS A 56 0.13 -1.80 19.81
N ARG A 57 1.32 -1.20 19.92
CA ARG A 57 1.54 0.18 19.49
C ARG A 57 1.30 0.40 18.00
N GLY A 58 1.47 -0.66 17.19
CA GLY A 58 1.44 -0.53 15.74
C GLY A 58 2.75 0.01 15.16
N GLU A 59 3.85 -0.18 15.90
CA GLU A 59 5.16 0.29 15.49
C GLU A 59 5.72 -0.58 14.36
N GLN A 60 6.35 0.07 13.37
CA GLN A 60 6.87 -0.61 12.19
C GLN A 60 8.39 -0.59 12.13
N TRP A 61 9.00 -1.75 12.40
CA TRP A 61 10.44 -1.95 12.24
C TRP A 61 10.77 -2.53 10.87
N HIS A 62 11.61 -1.82 10.10
CA HIS A 62 12.12 -2.32 8.83
C HIS A 62 13.64 -2.36 8.85
N LEU A 63 14.22 -3.50 8.47
CA LEU A 63 15.66 -3.67 8.42
C LEU A 63 16.19 -3.04 7.14
N LYS A 64 17.21 -2.19 7.28
CA LYS A 64 17.82 -1.55 6.13
C LYS A 64 19.02 -2.35 5.65
N LYS A 65 19.96 -2.61 6.55
CA LYS A 65 21.07 -3.49 6.25
C LYS A 65 21.76 -3.87 7.54
N TYR A 66 22.68 -4.83 7.45
CA TYR A 66 23.42 -5.25 8.63
C TYR A 66 24.77 -5.83 8.25
N THR A 67 25.60 -6.02 9.27
CA THR A 67 26.97 -6.45 9.03
C THR A 67 27.50 -7.13 10.29
N LYS A 68 28.63 -7.83 10.15
CA LYS A 68 29.25 -8.48 11.28
C LYS A 68 30.51 -7.68 11.60
N ILE A 69 30.63 -7.25 12.86
CA ILE A 69 31.82 -6.60 13.37
C ILE A 69 32.37 -7.50 14.47
N GLY A 70 33.55 -8.08 14.25
CA GLY A 70 34.07 -9.10 15.15
C GLY A 70 33.03 -10.19 15.33
N ASN A 71 32.63 -10.43 16.58
CA ASN A 71 31.68 -11.49 16.90
C ASN A 71 30.28 -10.97 17.20
N VAL A 72 30.06 -9.66 16.99
CA VAL A 72 28.74 -9.08 17.17
C VAL A 72 28.13 -8.78 15.80
N TRP A 73 26.79 -8.75 15.76
CA TRP A 73 26.04 -8.39 14.57
C TRP A 73 25.48 -6.98 14.75
N VAL A 74 25.62 -6.16 13.72
CA VAL A 74 25.10 -4.79 13.76
C VAL A 74 24.01 -4.60 12.70
N PHE A 75 22.79 -4.34 13.15
CA PHE A 75 21.67 -4.09 12.24
C PHE A 75 21.28 -2.61 12.26
N TYR A 76 21.01 -2.06 11.08
CA TYR A 76 20.47 -0.70 10.96
C TYR A 76 19.01 -0.82 10.56
N VAL A 77 18.12 -0.37 11.46
CA VAL A 77 16.69 -0.53 11.27
C VAL A 77 15.98 0.82 11.17
N GLN A 78 15.08 0.97 10.20
CA GLN A 78 14.18 2.11 10.16
C GLN A 78 12.95 1.80 11.00
N VAL A 79 12.65 2.66 11.98
CA VAL A 79 11.48 2.50 12.83
C VAL A 79 10.50 3.65 12.60
N ASP A 80 9.20 3.30 12.51
CA ASP A 80 8.13 4.27 12.30
C ASP A 80 7.05 4.22 13.36
N ASN A 81 6.72 5.38 13.95
CA ASN A 81 5.53 5.48 14.79
C ASN A 81 4.67 6.69 14.42
N ASN A 82 3.50 6.39 13.85
CA ASN A 82 2.42 7.34 13.63
C ASN A 82 2.91 8.63 12.98
N GLY A 83 3.50 8.49 11.78
CA GLY A 83 3.93 9.63 10.99
C GLY A 83 5.29 10.19 11.43
N GLN A 84 6.18 9.29 11.88
CA GLN A 84 7.53 9.69 12.24
C GLN A 84 8.55 8.55 12.18
N THR A 85 9.74 8.87 11.66
CA THR A 85 10.69 7.89 11.17
C THR A 85 12.06 8.11 11.81
N GLU A 86 12.64 7.03 12.34
CA GLU A 86 13.94 7.09 12.99
C GLU A 86 14.81 5.90 12.60
N ILE A 87 16.12 6.10 12.59
CA ILE A 87 17.07 5.01 12.49
C ILE A 87 17.42 4.53 13.89
N TRP A 88 17.31 3.21 14.08
CA TRP A 88 17.71 2.55 15.33
C TRP A 88 18.86 1.61 15.00
N VAL A 89 19.86 1.55 15.90
CA VAL A 89 20.98 0.63 15.75
C VAL A 89 20.81 -0.52 16.75
N VAL A 90 20.95 -1.75 16.25
CA VAL A 90 20.69 -2.95 17.03
C VAL A 90 21.93 -3.85 16.98
N VAL A 91 22.62 -3.98 18.11
CA VAL A 91 23.84 -4.78 18.18
C VAL A 91 23.52 -6.07 18.95
N ILE A 92 23.75 -7.21 18.30
CA ILE A 92 23.45 -8.50 18.87
C ILE A 92 24.71 -9.36 19.04
N LYS A 93 24.82 -9.98 20.23
CA LYS A 93 25.79 -11.03 20.46
C LYS A 93 25.04 -12.35 20.64
N VAL A 94 25.39 -13.34 19.81
CA VAL A 94 24.88 -14.69 19.93
C VAL A 94 25.95 -15.53 20.63
N GLU A 95 25.53 -16.34 21.62
CA GLU A 95 26.40 -17.29 22.26
C GLU A 95 25.69 -18.64 22.32
N ASN A 96 26.36 -19.69 21.83
CA ASN A 96 25.79 -21.02 21.77
C ASN A 96 24.40 -21.01 21.13
N GLY A 97 24.27 -20.28 20.03
CA GLY A 97 23.06 -20.26 19.22
C GLY A 97 21.88 -19.49 19.80
N ARG A 98 22.08 -18.83 20.95
CA ARG A 98 21.05 -17.98 21.52
C ARG A 98 21.55 -16.55 21.71
N ILE A 99 20.60 -15.63 21.84
CA ILE A 99 20.91 -14.22 22.03
C ILE A 99 21.35 -14.05 23.48
N LYS A 100 22.61 -13.62 23.65
CA LYS A 100 23.13 -13.28 24.96
C LYS A 100 22.68 -11.87 25.34
N ILE A 101 23.06 -10.89 24.51
CA ILE A 101 22.87 -9.49 24.82
C ILE A 101 22.52 -8.75 23.54
N VAL A 102 21.53 -7.85 23.64
CA VAL A 102 21.13 -6.97 22.55
C VAL A 102 21.20 -5.54 23.07
N PHE A 103 21.84 -4.67 22.29
CA PHE A 103 21.83 -3.24 22.57
C PHE A 103 21.08 -2.53 21.46
N ILE A 104 20.11 -1.71 21.85
CA ILE A 104 19.35 -0.89 20.91
C ILE A 104 19.55 0.58 21.27
N GLN A 105 19.86 1.39 20.25
CA GLN A 105 19.94 2.83 20.43
C GLN A 105 19.36 3.62 19.27
N THR A 106 18.62 4.69 19.58
CA THR A 106 18.05 5.56 18.57
C THR A 106 19.05 6.63 18.16
N VAL A 107 19.17 6.89 16.85
CA VAL A 107 20.11 7.88 16.36
C VAL A 107 19.48 8.80 15.32
N ARG A 108 20.16 9.92 15.07
CA ARG A 108 19.62 11.00 14.26
C ARG A 108 20.24 11.17 12.88
N ASP A 109 21.25 10.36 12.54
CA ASP A 109 21.74 10.28 11.16
C ASP A 109 22.61 9.05 10.96
N GLU A 110 22.78 8.66 9.69
CA GLU A 110 23.51 7.44 9.36
C GLU A 110 24.96 7.53 9.81
N GLU A 111 25.46 8.75 10.04
CA GLU A 111 26.80 8.96 10.55
C GLU A 111 26.88 8.61 12.03
N GLU A 112 25.92 9.09 12.83
CA GLU A 112 25.83 8.75 14.24
C GLU A 112 25.46 7.29 14.43
N ALA A 113 24.83 6.69 13.43
CA ALA A 113 24.54 5.26 13.46
C ALA A 113 25.85 4.46 13.54
N HIS A 114 26.76 4.76 12.62
CA HIS A 114 28.05 4.11 12.57
C HIS A 114 28.82 4.28 13.88
N GLU A 115 28.71 5.48 14.47
CA GLU A 115 29.36 5.77 15.72
C GLU A 115 28.81 4.91 16.85
N ALA A 116 27.48 4.89 16.99
CA ALA A 116 26.82 4.09 18.02
C ALA A 116 27.14 2.61 17.85
N ALA A 117 27.17 2.17 16.59
CA ALA A 117 27.46 0.78 16.29
C ALA A 117 28.85 0.40 16.80
N ARG A 118 29.86 1.22 16.48
CA ARG A 118 31.20 1.01 16.96
C ARG A 118 31.22 0.96 18.49
N LYS A 119 30.53 1.92 19.12
CA LYS A 119 30.53 2.01 20.57
C LYS A 119 29.88 0.78 21.20
N LEU A 120 28.66 0.44 20.72
CA LEU A 120 27.87 -0.61 21.31
C LEU A 120 28.48 -1.98 21.06
N ALA A 121 29.07 -2.14 19.88
CA ALA A 121 29.77 -3.37 19.53
C ALA A 121 30.83 -3.68 20.58
N LYS A 122 31.59 -2.64 20.96
CA LYS A 122 32.67 -2.75 21.91
C LYS A 122 32.20 -3.07 23.34
N GLN A 123 30.91 -2.90 23.61
CA GLN A 123 30.36 -3.26 24.90
C GLN A 123 29.78 -4.66 24.93
N ALA A 124 29.47 -5.22 23.76
CA ALA A 124 28.68 -6.43 23.70
C ALA A 124 29.51 -7.63 24.10
N HIS B 2 -24.50 4.69 22.89
CA HIS B 2 -24.24 6.08 22.48
C HIS B 2 -24.14 6.22 20.97
N MET B 3 -23.44 5.29 20.32
CA MET B 3 -23.16 5.35 18.89
C MET B 3 -24.15 4.50 18.08
N PRO B 4 -24.73 5.02 16.99
CA PRO B 4 -25.68 4.24 16.20
C PRO B 4 -25.00 3.19 15.35
N GLU B 5 -25.77 2.17 14.95
CA GLU B 5 -25.28 1.09 14.10
C GLU B 5 -24.60 1.59 12.85
N GLU B 6 -25.21 2.60 12.21
CA GLU B 6 -24.64 3.21 11.01
C GLU B 6 -23.21 3.67 11.29
N GLU B 7 -23.04 4.48 12.33
CA GLU B 7 -21.74 5.01 12.69
C GLU B 7 -20.77 3.89 13.08
N LYS B 8 -21.26 2.90 13.82
CA LYS B 8 -20.45 1.75 14.21
C LYS B 8 -19.87 1.03 12.99
N ALA B 9 -20.73 0.77 12.00
CA ALA B 9 -20.30 0.10 10.78
C ALA B 9 -19.15 0.86 10.12
N ALA B 10 -19.40 2.12 9.75
CA ALA B 10 -18.40 2.97 9.13
C ALA B 10 -17.12 2.99 9.95
N ARG B 11 -17.24 3.22 11.25
CA ARG B 11 -16.09 3.29 12.12
C ARG B 11 -15.29 1.98 12.10
N LEU B 12 -16.00 0.85 12.06
CA LEU B 12 -15.36 -0.46 12.02
C LEU B 12 -14.56 -0.68 10.74
N PHE B 13 -15.09 -0.18 9.63
CA PHE B 13 -14.42 -0.24 8.34
C PHE B 13 -13.03 0.40 8.42
N ILE B 14 -12.96 1.56 9.09
CA ILE B 14 -11.72 2.30 9.22
C ILE B 14 -10.80 1.56 10.15
N GLU B 15 -11.36 1.03 11.24
CA GLU B 15 -10.61 0.23 12.20
C GLU B 15 -9.91 -0.94 11.49
N ALA B 16 -10.63 -1.63 10.61
CA ALA B 16 -10.07 -2.72 9.84
C ALA B 16 -8.83 -2.28 9.07
N LEU B 17 -8.91 -1.13 8.40
CA LEU B 17 -7.77 -0.59 7.65
C LEU B 17 -6.64 -0.20 8.60
N GLU B 18 -6.99 0.45 9.72
CA GLU B 18 -6.01 0.82 10.73
C GLU B 18 -5.26 -0.40 11.24
N LYS B 19 -5.98 -1.51 11.45
CA LYS B 19 -5.41 -2.74 11.98
C LYS B 19 -4.97 -3.72 10.89
N GLY B 20 -5.21 -3.37 9.63
CA GLY B 20 -5.03 -4.31 8.53
C GLY B 20 -5.63 -5.68 8.84
N ASP B 21 -6.89 -5.69 9.26
CA ASP B 21 -7.57 -6.91 9.67
C ASP B 21 -8.66 -7.29 8.67
N PRO B 22 -8.42 -8.27 7.77
CA PRO B 22 -9.37 -8.64 6.73
C PRO B 22 -10.66 -9.28 7.25
N GLU B 23 -10.54 -10.05 8.34
CA GLU B 23 -11.69 -10.74 8.90
C GLU B 23 -12.64 -9.72 9.50
N LEU B 24 -12.08 -8.72 10.19
CA LEU B 24 -12.86 -7.60 10.70
C LEU B 24 -13.59 -6.91 9.55
N MET B 25 -12.90 -6.74 8.41
CA MET B 25 -13.48 -6.13 7.23
C MET B 25 -14.62 -6.99 6.68
N ARG B 26 -14.45 -8.31 6.71
CA ARG B 26 -15.47 -9.23 6.24
C ARG B 26 -16.80 -9.05 6.96
N LYS B 27 -16.72 -8.79 8.27
CA LYS B 27 -17.90 -8.60 9.11
C LYS B 27 -18.70 -7.35 8.77
N VAL B 28 -18.02 -6.37 8.19
CA VAL B 28 -18.60 -5.04 7.99
C VAL B 28 -19.16 -4.88 6.58
N ILE B 29 -18.59 -5.61 5.61
CA ILE B 29 -18.99 -5.47 4.22
C ILE B 29 -20.06 -6.51 3.85
N SER B 30 -20.64 -6.35 2.65
CA SER B 30 -21.59 -7.30 2.12
C SER B 30 -21.16 -7.65 0.69
N PRO B 31 -21.65 -8.76 0.10
CA PRO B 31 -21.18 -9.19 -1.22
C PRO B 31 -21.29 -8.12 -2.30
N ASP B 32 -22.18 -7.14 -2.09
CA ASP B 32 -22.38 -6.05 -3.04
C ASP B 32 -21.79 -4.71 -2.57
N THR B 33 -20.92 -4.76 -1.56
CA THR B 33 -20.19 -3.58 -1.14
C THR B 33 -19.25 -3.16 -2.25
N LYS B 34 -19.33 -1.89 -2.64
CA LYS B 34 -18.44 -1.33 -3.65
C LYS B 34 -17.46 -0.35 -3.00
N MET B 35 -16.16 -0.53 -3.27
CA MET B 35 -15.16 0.43 -2.86
C MET B 35 -14.41 0.95 -4.08
N VAL B 36 -14.19 2.27 -4.14
CA VAL B 36 -13.41 2.84 -5.22
C VAL B 36 -12.20 3.57 -4.66
N ASP B 37 -11.01 3.01 -4.90
CA ASP B 37 -9.76 3.60 -4.42
C ASP B 37 -9.08 4.35 -5.55
N ASN B 38 -9.04 5.69 -5.44
CA ASN B 38 -8.52 6.54 -6.49
C ASN B 38 -8.87 6.02 -7.88
N GLY B 39 -10.16 5.71 -8.09
CA GLY B 39 -10.65 5.30 -9.40
C GLY B 39 -10.79 3.80 -9.58
N ARG B 40 -10.06 3.01 -8.76
CA ARG B 40 -10.05 1.57 -8.91
C ARG B 40 -11.18 0.96 -8.09
N GLU B 41 -12.06 0.22 -8.77
CA GLU B 41 -13.24 -0.35 -8.15
C GLU B 41 -12.94 -1.74 -7.62
N PHE B 42 -13.30 -1.98 -6.36
CA PHE B 42 -13.32 -3.30 -5.75
C PHE B 42 -14.76 -3.62 -5.36
N THR B 43 -15.11 -4.91 -5.41
CA THR B 43 -16.41 -5.37 -4.95
C THR B 43 -16.28 -6.60 -4.06
N GLY B 44 -17.05 -6.59 -2.96
CA GLY B 44 -17.16 -7.73 -2.06
C GLY B 44 -15.82 -8.20 -1.49
N ASP B 45 -15.50 -9.49 -1.70
CA ASP B 45 -14.28 -10.09 -1.21
C ASP B 45 -13.03 -9.33 -1.64
N GLU B 46 -13.07 -8.71 -2.82
CA GLU B 46 -11.95 -7.94 -3.31
C GLU B 46 -11.53 -6.88 -2.30
N VAL B 47 -12.51 -6.35 -1.58
CA VAL B 47 -12.25 -5.35 -0.54
C VAL B 47 -11.48 -5.98 0.63
N VAL B 48 -11.80 -7.24 0.95
CA VAL B 48 -11.06 -7.97 1.98
C VAL B 48 -9.64 -8.25 1.51
N GLU B 49 -9.50 -8.64 0.24
CA GLU B 49 -8.19 -8.86 -0.37
C GLU B 49 -7.36 -7.58 -0.28
N TYR B 50 -8.02 -6.45 -0.58
CA TYR B 50 -7.41 -5.13 -0.43
C TYR B 50 -6.77 -4.95 0.94
N VAL B 51 -7.52 -5.30 1.99
CA VAL B 51 -7.03 -5.15 3.35
C VAL B 51 -5.85 -6.08 3.60
N LYS B 52 -5.89 -7.28 3.00
CA LYS B 52 -4.78 -8.23 3.10
C LYS B 52 -3.51 -7.61 2.53
N GLU B 53 -3.66 -6.83 1.43
CA GLU B 53 -2.55 -6.16 0.79
C GLU B 53 -1.95 -5.07 1.69
N ILE B 54 -2.82 -4.30 2.34
CA ILE B 54 -2.37 -3.27 3.27
C ILE B 54 -1.42 -3.87 4.29
N GLN B 55 -1.91 -4.91 4.98
CA GLN B 55 -1.16 -5.60 6.02
C GLN B 55 0.17 -6.10 5.47
N LYS B 56 0.10 -6.81 4.35
CA LYS B 56 1.28 -7.35 3.68
C LYS B 56 2.32 -6.26 3.40
N ARG B 57 1.85 -5.15 2.81
CA ARG B 57 2.69 -4.00 2.51
C ARG B 57 3.31 -3.37 3.75
N GLY B 58 2.65 -3.51 4.90
CA GLY B 58 3.05 -2.82 6.12
C GLY B 58 2.60 -1.36 6.15
N GLU B 59 1.54 -1.03 5.39
CA GLU B 59 0.98 0.30 5.38
C GLU B 59 0.26 0.62 6.69
N GLN B 60 0.48 1.84 7.21
CA GLN B 60 -0.10 2.27 8.47
C GLN B 60 -1.14 3.38 8.27
N TRP B 61 -2.41 3.00 8.45
CA TRP B 61 -3.54 3.92 8.42
C TRP B 61 -3.89 4.39 9.83
N HIS B 62 -3.86 5.70 10.04
CA HIS B 62 -4.27 6.30 11.30
C HIS B 62 -5.39 7.30 11.04
N LEU B 63 -6.47 7.19 11.84
CA LEU B 63 -7.60 8.10 11.74
C LEU B 63 -7.26 9.40 12.46
N LYS B 64 -7.46 10.53 11.78
CA LYS B 64 -7.24 11.83 12.38
C LYS B 64 -8.54 12.36 12.98
N LYS B 65 -9.58 12.42 12.16
CA LYS B 65 -10.91 12.76 12.64
C LYS B 65 -11.92 12.40 11.56
N TYR B 66 -13.20 12.51 11.91
CA TYR B 66 -14.24 12.27 10.93
C TYR B 66 -15.51 13.04 11.26
N THR B 67 -16.44 13.04 10.31
CA THR B 67 -17.64 13.83 10.43
C THR B 67 -18.73 13.20 9.56
N LYS B 68 -19.96 13.64 9.77
CA LYS B 68 -21.07 13.17 8.97
C LYS B 68 -21.47 14.35 8.11
N ILE B 69 -21.51 14.14 6.79
CA ILE B 69 -22.00 15.11 5.83
C ILE B 69 -23.23 14.51 5.17
N GLY B 70 -24.40 15.11 5.42
CA GLY B 70 -25.66 14.51 5.02
C GLY B 70 -25.73 13.07 5.53
N ASN B 71 -25.86 12.11 4.61
CA ASN B 71 -26.03 10.72 4.94
C ASN B 71 -24.75 9.89 4.78
N VAL B 72 -23.65 10.56 4.41
CA VAL B 72 -22.37 9.87 4.25
C VAL B 72 -21.44 10.23 5.40
N TRP B 73 -20.49 9.33 5.67
CA TRP B 73 -19.47 9.55 6.69
C TRP B 73 -18.13 9.88 6.02
N VAL B 74 -17.45 10.90 6.52
CA VAL B 74 -16.18 11.34 5.95
C VAL B 74 -15.06 11.20 6.98
N PHE B 75 -14.11 10.30 6.70
CA PHE B 75 -12.98 10.11 7.59
C PHE B 75 -11.69 10.67 6.97
N TYR B 76 -10.88 11.35 7.79
CA TYR B 76 -9.62 11.91 7.34
C TYR B 76 -8.51 11.10 7.98
N VAL B 77 -7.74 10.41 7.14
CA VAL B 77 -6.79 9.41 7.59
C VAL B 77 -5.37 9.78 7.17
N GLN B 78 -4.44 9.68 8.12
CA GLN B 78 -3.02 9.76 7.80
C GLN B 78 -2.53 8.37 7.42
N VAL B 79 -1.94 8.25 6.23
CA VAL B 79 -1.38 6.99 5.74
C VAL B 79 0.14 7.09 5.62
N ASP B 80 0.85 6.05 6.08
CA ASP B 80 2.31 5.99 6.03
C ASP B 80 2.81 4.75 5.28
N GLN B 84 7.24 8.24 4.67
CA GLN B 84 6.39 9.16 3.94
C GLN B 84 4.93 9.11 4.43
N THR B 85 4.32 10.29 4.51
CA THR B 85 3.01 10.49 5.10
C THR B 85 2.07 11.19 4.12
N GLU B 86 0.87 10.65 3.95
CA GLU B 86 -0.14 11.24 3.10
C GLU B 86 -1.50 11.28 3.78
N ILE B 87 -2.30 12.29 3.41
CA ILE B 87 -3.68 12.39 3.87
C ILE B 87 -4.55 11.70 2.83
N TRP B 88 -5.39 10.76 3.31
CA TRP B 88 -6.36 10.07 2.48
C TRP B 88 -7.75 10.42 3.01
N VAL B 89 -8.72 10.55 2.09
CA VAL B 89 -10.10 10.78 2.45
C VAL B 89 -10.90 9.50 2.18
N VAL B 90 -11.71 9.09 3.17
CA VAL B 90 -12.53 7.90 3.05
C VAL B 90 -14.00 8.27 3.30
N VAL B 91 -14.81 8.17 2.25
CA VAL B 91 -16.22 8.53 2.33
C VAL B 91 -17.04 7.24 2.28
N ILE B 92 -17.84 7.02 3.33
CA ILE B 92 -18.64 5.81 3.45
C ILE B 92 -20.13 6.11 3.48
N LYS B 93 -20.88 5.31 2.70
CA LYS B 93 -22.34 5.28 2.81
C LYS B 93 -22.73 3.91 3.36
N VAL B 94 -23.47 3.92 4.47
CA VAL B 94 -24.08 2.72 5.02
C VAL B 94 -25.54 2.69 4.59
N GLU B 95 -26.00 1.53 4.11
CA GLU B 95 -27.38 1.31 3.74
C GLU B 95 -27.83 0.01 4.39
N ASN B 96 -28.94 0.09 5.14
CA ASN B 96 -29.46 -1.04 5.89
C ASN B 96 -28.38 -1.73 6.71
N GLY B 97 -27.54 -0.93 7.39
CA GLY B 97 -26.57 -1.45 8.32
C GLY B 97 -25.31 -2.06 7.71
N ARG B 98 -25.22 -2.05 6.37
CA ARG B 98 -24.02 -2.51 5.70
C ARG B 98 -23.41 -1.42 4.81
N ILE B 99 -22.12 -1.60 4.51
CA ILE B 99 -21.39 -0.65 3.71
C ILE B 99 -21.82 -0.81 2.25
N LYS B 100 -22.44 0.23 1.69
CA LYS B 100 -22.92 0.19 0.32
C LYS B 100 -21.75 0.55 -0.60
N ILE B 101 -21.21 1.75 -0.39
CA ILE B 101 -20.18 2.30 -1.25
C ILE B 101 -19.16 3.04 -0.39
N VAL B 102 -17.88 2.83 -0.73
CA VAL B 102 -16.77 3.53 -0.09
C VAL B 102 -15.96 4.21 -1.20
N PHE B 103 -15.65 5.48 -1.01
CA PHE B 103 -14.75 6.20 -1.90
C PHE B 103 -13.50 6.55 -1.12
N ILE B 104 -12.33 6.20 -1.66
CA ILE B 104 -11.04 6.53 -1.09
C ILE B 104 -10.26 7.37 -2.08
N GLN B 105 -9.67 8.47 -1.59
CA GLN B 105 -8.87 9.34 -2.44
C GLN B 105 -7.69 9.96 -1.71
N THR B 106 -6.53 9.97 -2.38
CA THR B 106 -5.33 10.57 -1.83
C THR B 106 -5.28 12.06 -2.16
N VAL B 107 -4.89 12.88 -1.19
CA VAL B 107 -4.76 14.33 -1.37
C VAL B 107 -3.45 14.85 -0.77
N ARG B 108 -3.13 16.12 -1.00
CA ARG B 108 -1.90 16.70 -0.48
C ARG B 108 -1.99 17.38 0.90
N ASP B 109 -3.18 17.87 1.25
CA ASP B 109 -3.32 18.71 2.44
C ASP B 109 -4.75 18.74 2.96
N GLU B 110 -4.88 19.12 4.23
CA GLU B 110 -6.16 19.07 4.91
C GLU B 110 -7.20 19.96 4.23
N GLU B 111 -6.73 20.95 3.45
CA GLU B 111 -7.65 21.83 2.75
C GLU B 111 -8.24 21.13 1.52
N GLU B 112 -7.37 20.47 0.75
CA GLU B 112 -7.81 19.69 -0.40
C GLU B 112 -8.62 18.46 0.03
N ALA B 113 -8.37 18.01 1.27
CA ALA B 113 -9.12 16.90 1.85
C ALA B 113 -10.60 17.28 1.94
N HIS B 114 -10.88 18.43 2.55
CA HIS B 114 -12.25 18.89 2.71
C HIS B 114 -12.95 19.01 1.37
N GLU B 115 -12.23 19.48 0.36
CA GLU B 115 -12.77 19.61 -0.98
C GLU B 115 -13.13 18.26 -1.58
N ALA B 116 -12.21 17.31 -1.53
CA ALA B 116 -12.45 15.97 -2.05
C ALA B 116 -13.58 15.28 -1.31
N ALA B 117 -13.66 15.49 0.00
CA ALA B 117 -14.73 14.94 0.81
C ALA B 117 -16.09 15.42 0.33
N ARG B 118 -16.23 16.74 0.14
CA ARG B 118 -17.46 17.29 -0.39
C ARG B 118 -17.79 16.67 -1.75
N LYS B 119 -16.79 16.57 -2.62
CA LYS B 119 -16.99 16.03 -3.95
C LYS B 119 -17.42 14.56 -3.90
N LEU B 120 -16.68 13.74 -3.15
CA LEU B 120 -16.92 12.31 -3.09
C LEU B 120 -18.25 11.98 -2.41
N ALA B 121 -18.56 12.76 -1.38
CA ALA B 121 -19.82 12.64 -0.67
C ALA B 121 -20.99 12.75 -1.64
N LYS B 122 -20.90 13.72 -2.55
CA LYS B 122 -21.93 13.96 -3.56
C LYS B 122 -22.10 12.84 -4.58
N GLN B 123 -21.13 11.92 -4.67
CA GLN B 123 -21.30 10.74 -5.50
C GLN B 123 -21.87 9.54 -4.76
N ALA B 124 -21.79 9.54 -3.43
CA ALA B 124 -22.06 8.34 -2.66
C ALA B 124 -23.57 8.07 -2.61
N HIS C 2 -1.31 2.61 -1.48
CA HIS C 2 -0.07 2.41 -2.24
C HIS C 2 -0.30 1.28 -3.26
N MET C 3 -0.03 1.58 -4.55
CA MET C 3 -0.36 0.69 -5.65
C MET C 3 0.86 -0.13 -6.10
N PRO C 4 0.66 -1.41 -6.47
CA PRO C 4 1.76 -2.26 -6.93
C PRO C 4 2.24 -1.87 -8.33
N GLU C 5 3.46 -2.31 -8.66
CA GLU C 5 4.13 -2.00 -9.92
C GLU C 5 3.24 -2.26 -11.14
N GLU C 6 2.60 -3.44 -11.14
CA GLU C 6 1.71 -3.83 -12.22
C GLU C 6 0.64 -2.76 -12.43
N GLU C 7 -0.07 -2.41 -11.34
CA GLU C 7 -1.12 -1.42 -11.39
C GLU C 7 -0.59 -0.04 -11.82
N LYS C 8 0.58 0.33 -11.28
CA LYS C 8 1.22 1.59 -11.62
C LYS C 8 1.47 1.70 -13.12
N ALA C 9 2.04 0.63 -13.70
CA ALA C 9 2.30 0.59 -15.13
C ALA C 9 1.04 0.87 -15.94
N ALA C 10 0.02 0.02 -15.77
CA ALA C 10 -1.25 0.17 -16.45
C ALA C 10 -1.81 1.57 -16.27
N ARG C 11 -1.85 2.04 -15.02
CA ARG C 11 -2.40 3.35 -14.72
C ARG C 11 -1.65 4.44 -15.47
N LEU C 12 -0.31 4.31 -15.55
CA LEU C 12 0.53 5.29 -16.22
C LEU C 12 0.23 5.38 -17.72
N PHE C 13 -0.06 4.21 -18.31
CA PHE C 13 -0.42 4.12 -19.71
C PHE C 13 -1.63 4.99 -20.02
N ILE C 14 -2.64 4.92 -19.13
CA ILE C 14 -3.86 5.67 -19.29
C ILE C 14 -3.59 7.15 -19.07
N GLU C 15 -2.76 7.45 -18.07
CA GLU C 15 -2.36 8.81 -17.78
C GLU C 15 -1.73 9.46 -19.01
N ALA C 16 -0.85 8.73 -19.68
CA ALA C 16 -0.22 9.21 -20.90
C ALA C 16 -1.25 9.64 -21.94
N LEU C 17 -2.28 8.81 -22.15
CA LEU C 17 -3.37 9.11 -23.07
C LEU C 17 -4.17 10.31 -22.60
N GLU C 18 -4.48 10.34 -21.30
CA GLU C 18 -5.19 11.46 -20.71
C GLU C 18 -4.45 12.77 -20.92
N LYS C 19 -3.13 12.74 -20.79
CA LYS C 19 -2.30 13.93 -20.93
C LYS C 19 -1.72 14.10 -22.34
N GLY C 20 -2.01 13.16 -23.24
CA GLY C 20 -1.33 13.14 -24.53
C GLY C 20 0.18 13.36 -24.40
N ASP C 21 0.82 12.59 -23.52
CA ASP C 21 2.24 12.73 -23.23
C ASP C 21 3.04 11.53 -23.76
N PRO C 22 3.74 11.68 -24.91
CA PRO C 22 4.44 10.56 -25.53
C PRO C 22 5.66 10.06 -24.74
N GLU C 23 6.33 10.99 -24.05
CA GLU C 23 7.51 10.63 -23.28
C GLU C 23 7.10 9.78 -22.08
N LEU C 24 6.01 10.18 -21.43
CA LEU C 24 5.41 9.36 -20.38
C LEU C 24 5.08 7.97 -20.91
N MET C 25 4.55 7.90 -22.13
CA MET C 25 4.22 6.63 -22.74
C MET C 25 5.49 5.79 -22.99
N ARG C 26 6.56 6.46 -23.41
CA ARG C 26 7.83 5.80 -23.67
C ARG C 26 8.35 5.05 -22.43
N LYS C 27 8.15 5.65 -21.26
CA LYS C 27 8.61 5.09 -19.99
C LYS C 27 7.88 3.80 -19.61
N VAL C 28 6.64 3.65 -20.10
CA VAL C 28 5.76 2.57 -19.69
C VAL C 28 5.82 1.38 -20.64
N ILE C 29 6.12 1.63 -21.92
CA ILE C 29 6.06 0.59 -22.93
C ILE C 29 7.43 -0.04 -23.13
N SER C 30 7.45 -1.14 -23.88
CA SER C 30 8.67 -1.83 -24.25
C SER C 30 8.63 -2.07 -25.76
N PRO C 31 9.78 -2.35 -26.41
CA PRO C 31 9.81 -2.45 -27.87
C PRO C 31 8.83 -3.48 -28.44
N ASP C 32 8.39 -4.44 -27.60
CA ASP C 32 7.45 -5.46 -28.01
C ASP C 32 6.03 -5.24 -27.45
N THR C 33 5.77 -4.04 -26.92
CA THR C 33 4.44 -3.70 -26.45
C THR C 33 3.49 -3.66 -27.64
N LYS C 34 2.39 -4.41 -27.55
CA LYS C 34 1.42 -4.49 -28.64
C LYS C 34 0.13 -3.81 -28.19
N MET C 35 -0.36 -2.87 -29.01
CA MET C 35 -1.65 -2.24 -28.76
C MET C 35 -2.57 -2.46 -29.96
N VAL C 36 -3.82 -2.83 -29.70
CA VAL C 36 -4.78 -3.01 -30.77
C VAL C 36 -5.95 -2.07 -30.56
N ASP C 37 -6.06 -1.05 -31.42
CA ASP C 37 -7.11 -0.05 -31.32
C ASP C 37 -8.19 -0.36 -32.35
N ASN C 38 -9.36 -0.79 -31.87
CA ASN C 38 -10.44 -1.21 -32.75
C ASN C 38 -9.92 -1.96 -33.98
N GLY C 39 -9.04 -2.95 -33.73
CA GLY C 39 -8.57 -3.82 -34.79
C GLY C 39 -7.21 -3.46 -35.34
N ARG C 40 -6.81 -2.18 -35.17
CA ARG C 40 -5.56 -1.69 -35.70
C ARG C 40 -4.43 -1.95 -34.72
N GLU C 41 -3.41 -2.68 -35.18
CA GLU C 41 -2.29 -3.07 -34.35
C GLU C 41 -1.17 -2.04 -34.43
N PHE C 42 -0.70 -1.60 -33.26
CA PHE C 42 0.53 -0.83 -33.11
C PHE C 42 1.53 -1.64 -32.30
N THR C 43 2.82 -1.45 -32.59
CA THR C 43 3.88 -2.05 -31.80
C THR C 43 4.97 -1.05 -31.46
N GLY C 44 5.40 -1.08 -30.19
CA GLY C 44 6.54 -0.30 -29.73
C GLY C 44 6.37 1.20 -29.90
N ASP C 45 7.34 1.82 -30.57
CA ASP C 45 7.32 3.26 -30.83
C ASP C 45 6.04 3.73 -31.50
N GLU C 46 5.43 2.87 -32.32
CA GLU C 46 4.18 3.20 -32.98
C GLU C 46 3.14 3.66 -31.97
N VAL C 47 3.17 3.05 -30.78
CA VAL C 47 2.27 3.41 -29.70
C VAL C 47 2.56 4.82 -29.20
N VAL C 48 3.85 5.20 -29.14
CA VAL C 48 4.24 6.55 -28.77
C VAL C 48 3.80 7.55 -29.84
N GLU C 49 3.98 7.18 -31.12
CA GLU C 49 3.52 7.98 -32.23
C GLU C 49 2.02 8.22 -32.12
N TYR C 50 1.29 7.14 -31.78
CA TYR C 50 -0.13 7.21 -31.53
C TYR C 50 -0.48 8.32 -30.56
N VAL C 51 0.27 8.38 -29.45
CA VAL C 51 0.03 9.38 -28.42
C VAL C 51 0.32 10.78 -28.95
N LYS C 52 1.35 10.89 -29.80
CA LYS C 52 1.68 12.16 -30.44
C LYS C 52 0.51 12.66 -31.27
N GLU C 53 -0.19 11.73 -31.93
CA GLU C 53 -1.35 12.04 -32.73
C GLU C 53 -2.51 12.56 -31.87
N ILE C 54 -2.74 11.90 -30.73
CA ILE C 54 -3.78 12.32 -29.81
C ILE C 54 -3.60 13.79 -29.47
N GLN C 55 -2.40 14.12 -28.97
CA GLN C 55 -2.06 15.49 -28.57
C GLN C 55 -2.31 16.45 -29.72
N LYS C 56 -1.74 16.12 -30.89
CA LYS C 56 -1.87 16.92 -32.09
C LYS C 56 -3.34 17.19 -32.43
N ARG C 57 -4.14 16.11 -32.43
CA ARG C 57 -5.57 16.19 -32.68
C ARG C 57 -6.33 17.04 -31.66
N GLY C 58 -5.80 17.14 -30.44
CA GLY C 58 -6.51 17.76 -29.33
C GLY C 58 -7.57 16.86 -28.71
N GLU C 59 -7.39 15.54 -28.85
CA GLU C 59 -8.34 14.55 -28.35
C GLU C 59 -8.22 14.43 -26.84
N GLN C 60 -9.39 14.35 -26.15
CA GLN C 60 -9.43 14.38 -24.70
C GLN C 60 -9.90 13.06 -24.07
N TRP C 61 -8.95 12.32 -23.49
CA TRP C 61 -9.24 11.09 -22.78
C TRP C 61 -9.38 11.34 -21.28
N HIS C 62 -10.53 10.95 -20.71
CA HIS C 62 -10.75 10.99 -19.27
C HIS C 62 -11.10 9.61 -18.72
N LEU C 63 -10.43 9.20 -17.64
CA LEU C 63 -10.70 7.93 -17.00
C LEU C 63 -11.92 8.05 -16.11
N LYS C 64 -12.86 7.12 -16.26
CA LYS C 64 -14.06 7.11 -15.44
C LYS C 64 -13.86 6.20 -14.23
N LYS C 65 -13.48 4.94 -14.49
CA LYS C 65 -13.11 4.04 -13.42
C LYS C 65 -12.40 2.84 -14.04
N TYR C 66 -11.81 2.01 -13.17
CA TYR C 66 -11.19 0.81 -13.65
C TYR C 66 -11.19 -0.28 -12.59
N THR C 67 -10.86 -1.50 -13.03
CA THR C 67 -10.92 -2.64 -12.15
C THR C 67 -9.96 -3.70 -12.67
N LYS C 68 -9.70 -4.71 -11.83
CA LYS C 68 -8.87 -5.82 -12.24
C LYS C 68 -9.79 -7.01 -12.48
N ILE C 69 -9.70 -7.60 -13.67
CA ILE C 69 -10.39 -8.83 -14.00
C ILE C 69 -9.31 -9.90 -14.25
N GLY C 70 -9.24 -10.90 -13.38
CA GLY C 70 -8.16 -11.85 -13.43
C GLY C 70 -6.80 -11.13 -13.42
N ASN C 71 -6.03 -11.34 -14.49
CA ASN C 71 -4.68 -10.80 -14.60
C ASN C 71 -4.61 -9.54 -15.48
N VAL C 72 -5.76 -9.12 -16.01
CA VAL C 72 -5.80 -7.93 -16.86
C VAL C 72 -6.45 -6.78 -16.12
N TRP C 73 -6.10 -5.56 -16.54
CA TRP C 73 -6.69 -4.34 -16.01
C TRP C 73 -7.69 -3.78 -17.03
N VAL C 74 -8.86 -3.39 -16.54
CA VAL C 74 -9.91 -2.87 -17.42
C VAL C 74 -10.23 -1.44 -17.04
N PHE C 75 -9.95 -0.51 -17.96
CA PHE C 75 -10.26 0.90 -17.73
C PHE C 75 -11.42 1.34 -18.61
N TYR C 76 -12.35 2.11 -18.02
CA TYR C 76 -13.46 2.68 -18.76
C TYR C 76 -13.20 4.16 -18.91
N VAL C 77 -13.04 4.62 -20.15
CA VAL C 77 -12.60 5.97 -20.44
C VAL C 77 -13.62 6.74 -21.27
N GLN C 78 -13.88 7.99 -20.89
CA GLN C 78 -14.63 8.91 -21.74
C GLN C 78 -13.65 9.59 -22.71
N VAL C 79 -13.94 9.50 -24.01
CA VAL C 79 -13.15 10.19 -25.03
C VAL C 79 -13.97 11.26 -25.74
N ASP C 80 -13.35 12.42 -25.99
CA ASP C 80 -13.94 13.49 -26.79
C ASP C 80 -13.10 13.85 -28.02
N GLY C 83 -16.79 17.00 -30.02
CA GLY C 83 -18.11 17.17 -29.41
C GLY C 83 -19.04 15.98 -29.63
N GLN C 84 -18.45 14.77 -29.66
CA GLN C 84 -19.21 13.55 -29.85
C GLN C 84 -19.37 12.78 -28.54
N THR C 85 -18.34 12.80 -27.69
CA THR C 85 -18.27 12.01 -26.47
C THR C 85 -18.59 10.52 -26.64
N GLU C 86 -17.60 9.68 -26.34
CA GLU C 86 -17.73 8.24 -26.48
C GLU C 86 -17.08 7.52 -25.31
N ILE C 87 -17.61 6.33 -24.98
CA ILE C 87 -16.97 5.49 -23.99
C ILE C 87 -16.09 4.50 -24.74
N TRP C 88 -14.83 4.42 -24.29
CA TRP C 88 -13.84 3.50 -24.83
C TRP C 88 -13.45 2.54 -23.70
N VAL C 89 -13.22 1.27 -24.04
CA VAL C 89 -12.73 0.29 -23.09
C VAL C 89 -11.26 -0.03 -23.40
N VAL C 90 -10.43 -0.02 -22.36
CA VAL C 90 -8.99 -0.23 -22.49
C VAL C 90 -8.56 -1.37 -21.58
N VAL C 91 -8.16 -2.49 -22.16
CA VAL C 91 -7.77 -3.68 -21.40
C VAL C 91 -6.26 -3.85 -21.50
N ILE C 92 -5.59 -3.86 -20.35
CA ILE C 92 -4.15 -3.92 -20.29
C ILE C 92 -3.64 -5.17 -19.56
N LYS C 93 -2.66 -5.84 -20.17
CA LYS C 93 -1.93 -6.90 -19.51
C LYS C 93 -0.49 -6.44 -19.32
N VAL C 94 0.00 -6.49 -18.08
CA VAL C 94 1.38 -6.19 -17.74
C VAL C 94 2.13 -7.51 -17.52
N GLU C 95 3.36 -7.61 -18.04
CA GLU C 95 4.25 -8.72 -17.72
C GLU C 95 5.62 -8.17 -17.33
N ASN C 96 6.13 -8.63 -16.18
CA ASN C 96 7.40 -8.17 -15.66
C ASN C 96 7.50 -6.65 -15.66
N GLY C 97 6.43 -6.00 -15.20
CA GLY C 97 6.42 -4.56 -15.02
C GLY C 97 6.33 -3.71 -16.29
N ARG C 98 6.18 -4.36 -17.45
CA ARG C 98 5.96 -3.63 -18.69
C ARG C 98 4.67 -4.07 -19.37
N ILE C 99 4.11 -3.19 -20.20
CA ILE C 99 2.86 -3.47 -20.87
C ILE C 99 3.13 -4.45 -22.01
N LYS C 100 2.53 -5.65 -21.91
CA LYS C 100 2.62 -6.63 -22.97
C LYS C 100 1.67 -6.29 -24.11
N ILE C 101 0.36 -6.21 -23.79
CA ILE C 101 -0.69 -6.09 -24.78
C ILE C 101 -1.78 -5.18 -24.24
N VAL C 102 -2.27 -4.27 -25.10
CA VAL C 102 -3.37 -3.38 -24.78
C VAL C 102 -4.43 -3.56 -25.86
N PHE C 103 -5.69 -3.70 -25.44
CA PHE C 103 -6.81 -3.73 -26.35
C PHE C 103 -7.68 -2.51 -26.08
N ILE C 104 -7.97 -1.75 -27.14
CA ILE C 104 -8.84 -0.59 -27.06
C ILE C 104 -10.02 -0.80 -27.99
N GLN C 105 -11.23 -0.54 -27.48
CA GLN C 105 -12.43 -0.66 -28.28
C GLN C 105 -13.47 0.39 -27.93
N THR C 106 -14.08 0.99 -28.97
CA THR C 106 -15.12 1.98 -28.79
C THR C 106 -16.46 1.30 -28.66
N VAL C 107 -17.29 1.75 -27.71
CA VAL C 107 -18.60 1.17 -27.49
C VAL C 107 -19.66 2.27 -27.34
N ARG C 108 -20.92 1.86 -27.35
CA ARG C 108 -22.03 2.81 -27.36
C ARG C 108 -22.68 3.08 -26.00
N ASP C 109 -22.48 2.18 -25.03
CA ASP C 109 -23.02 2.39 -23.69
C ASP C 109 -22.26 1.59 -22.64
N GLU C 110 -22.43 2.01 -21.38
CA GLU C 110 -21.72 1.39 -20.26
C GLU C 110 -22.06 -0.10 -20.14
N GLU C 111 -23.18 -0.52 -20.71
CA GLU C 111 -23.58 -1.92 -20.70
C GLU C 111 -22.74 -2.72 -21.70
N GLU C 112 -22.59 -2.20 -22.91
CA GLU C 112 -21.76 -2.83 -23.94
C GLU C 112 -20.28 -2.74 -23.55
N ALA C 113 -19.94 -1.76 -22.71
CA ALA C 113 -18.59 -1.64 -22.20
C ALA C 113 -18.23 -2.89 -21.39
N HIS C 114 -19.08 -3.23 -20.43
CA HIS C 114 -18.88 -4.40 -19.59
C HIS C 114 -18.72 -5.67 -20.42
N GLU C 115 -19.54 -5.78 -21.48
CA GLU C 115 -19.48 -6.92 -22.38
C GLU C 115 -18.13 -7.01 -23.08
N ALA C 116 -17.70 -5.90 -23.70
CA ALA C 116 -16.43 -5.86 -24.41
C ALA C 116 -15.26 -6.14 -23.46
N ALA C 117 -15.35 -5.60 -22.25
CA ALA C 117 -14.32 -5.80 -21.24
C ALA C 117 -14.15 -7.28 -20.93
N ARG C 118 -15.28 -7.96 -20.66
CA ARG C 118 -15.24 -9.40 -20.41
C ARG C 118 -14.61 -10.12 -21.60
N LYS C 119 -15.03 -9.77 -22.81
CA LYS C 119 -14.55 -10.44 -24.00
C LYS C 119 -13.05 -10.22 -24.19
N LEU C 120 -12.61 -8.94 -24.13
CA LEU C 120 -11.23 -8.57 -24.39
C LEU C 120 -10.26 -9.16 -23.37
N ALA C 121 -10.74 -9.44 -22.16
CA ALA C 121 -9.92 -10.06 -21.14
C ALA C 121 -9.54 -11.54 -21.47
#